data_4QUM
#
_entry.id   4QUM
#
_cell.length_a   75.491
_cell.length_b   75.491
_cell.length_c   109.605
_cell.angle_alpha   90.00
_cell.angle_beta   90.00
_cell.angle_gamma   120.00
#
_symmetry.space_group_name_H-M   'P 31 2 1'
#
loop_
_entity.id
_entity.type
_entity.pdbx_description
1 polymer 'Tyrosine-protein phosphatase non-receptor type 3'
2 polymer 'Mitogen-activated protein kinase 12'
3 water water
#
loop_
_entity_poly.entity_id
_entity_poly.type
_entity_poly.pdbx_seq_one_letter_code
_entity_poly.pdbx_strand_id
1 'polypeptide(L)'
;MHHHHHHSSGVDLGTENLYFQSNADTLEGSMAQLKKGLESGTVLIQFEQLYRKKPGLAITFAKLPQNLDKNRYKDVLPYD
TTRVLLQGNEDYINASYVNMEIPAANLVNKYIATQGPLPHTCAQFWQVVWDQKLSLIVMLTTLTERGRTKCHQYWPDPPD
VMNHGGFHIQCQSEDCTIAYVSREMLVTNTQTGEEHTVTHLQYVAWPAHGVPDDSSDFLEFVNYVRSLRVDSEPVLVHSS
AGIGRTGVLVTMETAMCLTERNLPIYPLDIVRKMRDQRAMMVQTSSQYKFVCEAILRVYEEGLVQM
;
A
2 'polypeptide(L)' M(TPO)G(PTR)VVTRR B
#
# COMPACT_ATOMS: atom_id res chain seq x y z
N ALA A 24 8.24 23.57 9.26
CA ALA A 24 9.31 24.55 9.22
C ALA A 24 9.99 24.51 7.86
N ASP A 25 10.41 25.70 7.38
CA ASP A 25 11.03 25.91 6.07
C ASP A 25 10.02 25.62 4.95
N THR A 26 10.44 25.75 3.70
CA THR A 26 9.54 25.67 2.55
C THR A 26 9.76 24.48 1.64
N LEU A 27 8.92 24.39 0.61
CA LEU A 27 9.08 23.38 -0.44
C LEU A 27 10.43 23.51 -1.14
N GLU A 28 10.70 24.70 -1.68
CA GLU A 28 11.96 24.98 -2.34
C GLU A 28 13.11 24.58 -1.41
N GLY A 29 12.98 24.95 -0.13
CA GLY A 29 14.00 24.66 0.87
C GLY A 29 14.18 23.20 1.25
N SER A 30 13.06 22.48 1.42
CA SER A 30 13.11 21.07 1.73
C SER A 30 13.76 20.31 0.59
N MET A 31 13.52 20.78 -0.64
CA MET A 31 14.00 20.10 -1.83
C MET A 31 15.50 20.31 -2.00
N ALA A 32 15.97 21.49 -1.62
CA ALA A 32 17.41 21.74 -1.63
C ALA A 32 18.06 20.85 -0.57
N GLN A 33 17.38 20.77 0.57
CA GLN A 33 17.83 19.97 1.69
C GLN A 33 17.88 18.49 1.33
N LEU A 34 16.83 18.03 0.65
CA LEU A 34 16.77 16.65 0.18
C LEU A 34 17.88 16.32 -0.83
N LYS A 35 18.15 17.22 -1.77
CA LYS A 35 19.21 17.07 -2.76
C LYS A 35 20.60 16.97 -2.11
N LYS A 36 20.89 17.90 -1.21
CA LYS A 36 22.10 17.88 -0.39
C LYS A 36 22.28 16.51 0.27
N GLY A 37 21.21 16.02 0.91
CA GLY A 37 21.23 14.76 1.60
C GLY A 37 21.38 13.54 0.70
N LEU A 38 20.91 13.64 -0.54
CA LEU A 38 21.12 12.56 -1.50
C LEU A 38 22.55 12.56 -1.97
N GLU A 39 23.07 13.76 -2.25
CA GLU A 39 24.46 13.93 -2.66
C GLU A 39 25.48 13.55 -1.58
N SER A 40 25.10 13.69 -0.30
CA SER A 40 26.03 13.57 0.85
C SER A 40 26.64 12.18 1.19
N GLY A 41 25.86 11.09 1.29
CA GLY A 41 24.42 11.05 1.36
C GLY A 41 23.97 10.73 2.79
N THR A 42 23.43 11.72 3.48
CA THR A 42 23.00 11.47 4.85
C THR A 42 21.56 10.94 4.89
N VAL A 43 20.79 11.13 3.83
CA VAL A 43 19.39 10.70 3.84
C VAL A 43 19.31 9.18 3.97
N LEU A 44 20.25 8.47 3.37
CA LEU A 44 20.26 7.02 3.40
C LEU A 44 20.71 6.49 4.76
N ILE A 45 21.59 7.23 5.41
CA ILE A 45 22.06 6.87 6.75
C ILE A 45 20.91 6.98 7.74
N GLN A 46 20.23 8.11 7.72
CA GLN A 46 19.13 8.34 8.64
C GLN A 46 17.99 7.36 8.39
N PHE A 47 17.79 6.98 7.12
CA PHE A 47 16.80 5.98 6.81
C PHE A 47 17.16 4.64 7.43
N GLU A 48 18.44 4.28 7.34
CA GLU A 48 18.91 3.00 7.87
C GLU A 48 18.79 3.00 9.39
N GLN A 49 18.93 4.17 10.01
CA GLN A 49 18.86 4.29 11.46
C GLN A 49 17.44 4.39 12.00
N LEU A 50 16.48 4.65 11.12
CA LEU A 50 15.09 4.77 11.53
C LEU A 50 14.55 3.43 12.01
N TYR A 51 13.74 3.45 13.05
CA TYR A 51 13.20 2.19 13.52
C TYR A 51 12.25 1.57 12.50
N ARG A 52 12.20 0.24 12.50
CA ARG A 52 11.32 -0.50 11.61
C ARG A 52 9.98 -0.74 12.29
N LYS A 53 10.00 -1.02 13.59
CA LYS A 53 8.79 -1.06 14.40
C LYS A 53 8.76 0.10 15.42
N LYS A 54 7.60 0.73 15.57
CA LYS A 54 7.50 1.79 16.56
C LYS A 54 7.79 1.22 17.93
N PRO A 55 8.80 1.79 18.61
CA PRO A 55 9.15 1.32 19.96
C PRO A 55 7.93 1.32 20.86
N GLY A 56 7.66 0.16 21.47
CA GLY A 56 6.62 0.05 22.46
C GLY A 56 5.20 -0.27 22.01
N LEU A 57 4.96 -0.39 20.70
CA LEU A 57 3.61 -0.70 20.24
C LEU A 57 3.36 -2.20 20.25
N ALA A 58 2.32 -2.61 20.97
CA ALA A 58 1.99 -4.03 21.11
C ALA A 58 1.64 -4.74 19.77
N ILE A 59 2.18 -5.94 19.60
CA ILE A 59 1.77 -6.83 18.55
C ILE A 59 1.37 -8.17 19.17
N THR A 60 0.09 -8.30 19.54
CA THR A 60 -0.39 -9.50 20.24
C THR A 60 -1.41 -10.34 19.46
N PHE A 61 -2.52 -9.73 19.06
CA PHE A 61 -3.57 -10.45 18.36
C PHE A 61 -3.06 -11.27 17.20
N ALA A 62 -2.09 -10.72 16.46
CA ALA A 62 -1.58 -11.37 15.25
C ALA A 62 -0.84 -12.65 15.55
N LYS A 63 -0.41 -12.82 16.80
CA LYS A 63 0.34 -14.01 17.17
C LYS A 63 -0.46 -14.95 18.07
N LEU A 64 -1.75 -14.66 18.29
CA LEU A 64 -2.62 -15.62 18.97
C LEU A 64 -2.70 -16.89 18.12
N PRO A 65 -2.82 -18.06 18.77
CA PRO A 65 -2.92 -19.33 18.06
C PRO A 65 -3.98 -19.36 16.95
N GLN A 66 -5.18 -18.84 17.18
CA GLN A 66 -6.22 -18.92 16.14
C GLN A 66 -5.95 -18.00 14.95
N ASN A 67 -4.92 -17.16 15.05
CA ASN A 67 -4.65 -16.15 14.02
C ASN A 67 -3.37 -16.36 13.23
N LEU A 68 -2.45 -17.15 13.76
CA LEU A 68 -1.11 -17.28 13.19
C LEU A 68 -1.10 -17.57 11.68
N ASP A 69 -1.88 -18.54 11.22
CA ASP A 69 -1.81 -18.91 9.81
C ASP A 69 -2.59 -17.96 8.88
N LYS A 70 -3.12 -16.87 9.45
CA LYS A 70 -3.75 -15.86 8.61
C LYS A 70 -2.72 -14.81 8.17
N ASN A 71 -1.49 -14.99 8.61
CA ASN A 71 -0.39 -14.14 8.15
C ASN A 71 0.40 -14.86 7.05
N ARG A 72 0.69 -14.15 5.97
CA ARG A 72 1.50 -14.71 4.91
C ARG A 72 2.97 -14.77 5.34
N TYR A 73 3.42 -13.78 6.08
CA TYR A 73 4.82 -13.75 6.51
C TYR A 73 4.89 -13.67 8.03
N LYS A 74 5.74 -14.50 8.63
CA LYS A 74 5.80 -14.56 10.08
C LYS A 74 6.28 -13.25 10.69
N ASP A 75 7.02 -12.46 9.91
CA ASP A 75 7.61 -11.23 10.42
C ASP A 75 6.91 -9.93 9.97
N VAL A 76 5.75 -10.02 9.34
CA VAL A 76 5.05 -8.81 8.93
C VAL A 76 3.66 -8.83 9.55
N LEU A 77 3.54 -8.23 10.72
CA LEU A 77 2.32 -8.31 11.48
C LEU A 77 1.81 -6.94 11.83
N PRO A 78 0.48 -6.78 11.90
CA PRO A 78 -0.14 -5.50 12.27
C PRO A 78 -0.03 -5.19 13.75
N TYR A 79 0.05 -3.90 14.09
CA TYR A 79 -0.04 -3.44 15.46
C TYR A 79 -1.48 -3.65 15.96
N ASP A 80 -1.66 -3.95 17.24
CA ASP A 80 -3.02 -4.11 17.79
C ASP A 80 -3.85 -2.84 17.62
N THR A 81 -3.22 -1.69 17.86
CA THR A 81 -3.91 -0.40 17.84
C THR A 81 -4.45 0.01 16.47
N THR A 82 -3.82 -0.42 15.41
CA THR A 82 -4.20 0.07 14.08
C THR A 82 -4.71 -1.03 13.16
N ARG A 83 -4.84 -2.24 13.71
CA ARG A 83 -5.29 -3.33 12.86
C ARG A 83 -6.76 -3.16 12.48
N VAL A 84 -7.10 -3.67 11.30
CA VAL A 84 -8.45 -3.52 10.79
C VAL A 84 -9.34 -4.53 11.51
N LEU A 85 -10.47 -4.06 12.02
CA LEU A 85 -11.40 -4.94 12.70
C LEU A 85 -12.49 -5.37 11.75
N LEU A 86 -12.67 -6.67 11.65
CA LEU A 86 -13.63 -7.22 10.71
C LEU A 86 -15.05 -7.07 11.23
N GLN A 87 -15.94 -6.51 10.40
CA GLN A 87 -17.36 -6.50 10.71
C GLN A 87 -18.02 -7.72 10.04
N GLY A 88 -17.21 -8.78 9.88
CA GLY A 88 -17.69 -10.14 9.80
C GLY A 88 -17.74 -10.58 11.26
N ASN A 89 -16.99 -9.80 12.05
CA ASN A 89 -17.09 -9.52 13.50
C ASN A 89 -16.39 -10.45 14.51
N GLU A 90 -15.61 -9.76 15.35
CA GLU A 90 -14.51 -10.27 16.18
C GLU A 90 -13.61 -11.31 15.49
N ASP A 91 -13.46 -11.21 14.18
CA ASP A 91 -12.45 -11.95 13.45
C ASP A 91 -11.16 -11.12 13.38
N TYR A 92 -10.18 -11.62 12.63
CA TYR A 92 -8.87 -11.02 12.45
C TYR A 92 -8.41 -10.95 10.97
N ILE A 93 -7.71 -9.89 10.60
CA ILE A 93 -7.05 -9.82 9.30
C ILE A 93 -5.71 -9.07 9.39
N ASN A 94 -4.73 -9.53 8.63
CA ASN A 94 -3.46 -8.85 8.54
C ASN A 94 -3.63 -7.61 7.67
N ALA A 95 -4.03 -6.51 8.30
CA ALA A 95 -4.31 -5.26 7.63
C ALA A 95 -4.24 -4.11 8.64
N SER A 96 -3.75 -2.95 8.22
CA SER A 96 -3.59 -1.82 9.13
C SER A 96 -4.25 -0.56 8.58
N TYR A 97 -4.81 0.26 9.47
CA TYR A 97 -5.20 1.59 9.07
C TYR A 97 -3.95 2.43 8.99
N VAL A 98 -3.85 3.23 7.94
CA VAL A 98 -2.67 4.04 7.72
C VAL A 98 -3.19 5.38 7.20
N ASN A 99 -3.14 6.40 8.05
CA ASN A 99 -3.66 7.69 7.69
C ASN A 99 -2.52 8.66 7.61
N MET A 100 -2.43 9.36 6.49
CA MET A 100 -1.39 10.35 6.30
C MET A 100 -2.00 11.74 6.35
N GLU A 101 -1.71 12.45 7.44
CA GLU A 101 -2.27 13.77 7.63
C GLU A 101 -1.34 14.83 7.07
N ILE A 102 -1.93 15.72 6.30
CA ILE A 102 -1.28 16.92 5.80
C ILE A 102 -2.02 18.10 6.46
N PRO A 103 -1.65 18.40 7.72
CA PRO A 103 -2.41 19.32 8.58
C PRO A 103 -2.52 20.70 7.96
N ALA A 104 -1.44 21.11 7.29
CA ALA A 104 -1.34 22.41 6.64
C ALA A 104 -2.40 22.61 5.56
N ALA A 105 -2.87 21.52 4.96
CA ALA A 105 -3.89 21.58 3.92
C ALA A 105 -5.23 21.09 4.44
N ASN A 106 -5.26 20.78 5.73
CA ASN A 106 -6.43 20.21 6.38
C ASN A 106 -6.86 18.91 5.73
N LEU A 107 -5.89 18.03 5.50
CA LEU A 107 -6.09 16.90 4.60
C LEU A 107 -5.61 15.59 5.21
N VAL A 108 -6.43 14.56 5.06
CA VAL A 108 -6.01 13.20 5.41
C VAL A 108 -6.20 12.26 4.23
N ASN A 109 -5.14 11.54 3.88
CA ASN A 109 -5.30 10.48 2.91
C ASN A 109 -5.35 9.14 3.66
N LYS A 110 -6.55 8.57 3.73
CA LYS A 110 -6.74 7.30 4.41
C LYS A 110 -6.30 6.18 3.50
N TYR A 111 -5.65 5.18 4.11
CA TYR A 111 -5.32 3.92 3.46
C TYR A 111 -5.71 2.76 4.35
N ILE A 112 -5.96 1.61 3.75
CA ILE A 112 -5.87 0.35 4.47
C ILE A 112 -4.75 -0.38 3.77
N ALA A 113 -3.71 -0.73 4.53
CA ALA A 113 -2.54 -1.41 4.02
C ALA A 113 -2.53 -2.89 4.48
N THR A 114 -2.47 -3.81 3.53
CA THR A 114 -2.65 -5.21 3.89
C THR A 114 -1.73 -6.13 3.08
N GLN A 115 -1.65 -7.41 3.48
CA GLN A 115 -0.89 -8.42 2.75
C GLN A 115 -1.71 -8.92 1.56
N GLY A 116 -1.04 -9.58 0.60
CA GLY A 116 -1.74 -10.36 -0.40
C GLY A 116 -2.47 -11.49 0.30
N PRO A 117 -3.79 -11.59 0.12
CA PRO A 117 -4.54 -12.59 0.88
C PRO A 117 -4.09 -14.03 0.61
N LEU A 118 -4.42 -14.87 1.58
CA LEU A 118 -4.25 -16.31 1.48
C LEU A 118 -5.55 -16.96 0.98
N PRO A 119 -5.47 -18.20 0.49
CA PRO A 119 -6.70 -18.88 0.03
C PRO A 119 -7.81 -18.86 1.07
N HIS A 120 -7.45 -19.04 2.32
CA HIS A 120 -8.44 -19.05 3.38
C HIS A 120 -8.67 -17.70 4.06
N THR A 121 -7.98 -16.64 3.62
CA THR A 121 -8.29 -15.28 4.15
C THR A 121 -9.00 -14.39 3.13
N CYS A 122 -9.24 -14.91 1.93
CA CYS A 122 -9.96 -14.19 0.87
C CYS A 122 -11.32 -13.66 1.28
N ALA A 123 -12.05 -14.46 2.03
CA ALA A 123 -13.36 -14.08 2.51
C ALA A 123 -13.24 -12.85 3.42
N GLN A 124 -12.20 -12.80 4.26
CA GLN A 124 -11.99 -11.65 5.14
C GLN A 124 -11.57 -10.39 4.39
N PHE A 125 -10.84 -10.57 3.30
CA PHE A 125 -10.40 -9.46 2.47
C PHE A 125 -11.59 -8.75 1.83
N TRP A 126 -12.53 -9.53 1.30
CA TRP A 126 -13.70 -8.94 0.70
C TRP A 126 -14.66 -8.35 1.74
N GLN A 127 -14.62 -8.87 2.96
CA GLN A 127 -15.42 -8.34 4.06
C GLN A 127 -15.01 -6.91 4.40
N VAL A 128 -13.70 -6.66 4.43
CA VAL A 128 -13.16 -5.32 4.61
C VAL A 128 -13.63 -4.40 3.47
N VAL A 129 -13.50 -4.85 2.24
CA VAL A 129 -13.88 -4.01 1.12
C VAL A 129 -15.38 -3.69 1.18
N TRP A 130 -16.18 -4.68 1.59
CA TRP A 130 -17.63 -4.49 1.67
C TRP A 130 -18.05 -3.65 2.88
N ASP A 131 -17.46 -3.91 4.04
CA ASP A 131 -17.86 -3.17 5.24
C ASP A 131 -17.66 -1.67 5.08
N GLN A 132 -16.61 -1.26 4.39
CA GLN A 132 -16.28 0.16 4.26
C GLN A 132 -16.63 0.70 2.88
N LYS A 133 -17.22 -0.16 2.04
CA LYS A 133 -17.51 0.15 0.65
C LYS A 133 -16.35 0.82 -0.09
N LEU A 134 -15.14 0.26 0.08
CA LEU A 134 -13.97 0.75 -0.63
C LEU A 134 -14.19 0.61 -2.13
N SER A 135 -13.89 1.66 -2.89
CA SER A 135 -14.12 1.66 -4.33
CA SER A 135 -14.13 1.64 -4.33
C SER A 135 -12.84 1.44 -5.11
N LEU A 136 -11.71 1.48 -4.43
CA LEU A 136 -10.43 1.39 -5.09
C LEU A 136 -9.44 0.46 -4.35
N ILE A 137 -8.91 -0.49 -5.09
CA ILE A 137 -7.96 -1.47 -4.60
C ILE A 137 -6.70 -1.34 -5.44
N VAL A 138 -5.55 -1.19 -4.79
CA VAL A 138 -4.28 -1.13 -5.50
C VAL A 138 -3.39 -2.29 -5.06
N MET A 139 -3.03 -3.12 -6.04
CA MET A 139 -2.25 -4.33 -5.83
C MET A 139 -0.90 -4.19 -6.53
N LEU A 140 0.17 -4.30 -5.76
CA LEU A 140 1.48 -3.95 -6.27
C LEU A 140 2.36 -5.18 -6.38
N THR A 141 1.80 -6.28 -6.88
CA THR A 141 2.53 -7.55 -7.00
C THR A 141 1.90 -8.41 -8.07
N THR A 142 2.73 -9.20 -8.75
CA THR A 142 2.27 -10.31 -9.57
C THR A 142 1.87 -11.46 -8.64
N LEU A 143 1.12 -12.44 -9.15
CA LEU A 143 0.62 -13.50 -8.25
C LEU A 143 1.72 -14.46 -7.83
N THR A 144 2.68 -14.64 -8.73
CA THR A 144 3.80 -15.53 -8.50
C THR A 144 5.07 -14.83 -8.95
N GLU A 145 6.17 -15.12 -8.30
CA GLU A 145 7.40 -14.41 -8.55
C GLU A 145 8.54 -15.30 -8.11
N ARG A 146 9.48 -15.54 -9.00
CA ARG A 146 10.69 -16.31 -8.71
C ARG A 146 10.38 -17.61 -7.96
N GLY A 147 9.60 -18.49 -8.58
CA GLY A 147 9.28 -19.77 -7.97
C GLY A 147 8.29 -19.78 -6.81
N ARG A 148 7.87 -18.61 -6.33
CA ARG A 148 6.99 -18.57 -5.16
C ARG A 148 5.65 -17.89 -5.44
N THR A 149 4.64 -18.32 -4.69
CA THR A 149 3.33 -17.67 -4.67
C THR A 149 3.34 -16.42 -3.78
N LYS A 150 3.00 -15.27 -4.35
CA LYS A 150 3.12 -14.00 -3.62
C LYS A 150 1.77 -13.50 -3.15
N CYS A 151 0.72 -13.95 -3.82
CA CYS A 151 -0.64 -13.54 -3.51
C CYS A 151 -1.60 -14.55 -4.15
N HIS A 152 -2.68 -14.91 -3.46
CA HIS A 152 -3.71 -15.76 -4.03
C HIS A 152 -4.57 -14.92 -4.99
N GLN A 153 -5.06 -15.51 -6.08
CA GLN A 153 -5.93 -14.76 -6.97
C GLN A 153 -7.35 -14.79 -6.41
N TYR A 154 -7.73 -13.68 -5.78
CA TYR A 154 -9.01 -13.54 -5.08
C TYR A 154 -10.10 -12.94 -5.97
N TRP A 155 -9.74 -12.63 -7.22
CA TRP A 155 -10.71 -12.25 -8.24
C TRP A 155 -10.76 -13.27 -9.39
N PRO A 156 -11.91 -13.40 -10.08
CA PRO A 156 -12.02 -14.35 -11.20
C PRO A 156 -11.50 -13.81 -12.54
N ASP A 157 -10.84 -14.68 -13.30
CA ASP A 157 -10.56 -14.44 -14.73
C ASP A 157 -11.85 -14.54 -15.51
N PRO A 158 -12.23 -13.47 -16.26
CA PRO A 158 -13.45 -13.62 -17.06
C PRO A 158 -13.25 -14.75 -18.09
N PRO A 159 -14.32 -15.49 -18.44
CA PRO A 159 -15.73 -15.30 -18.07
C PRO A 159 -16.06 -15.78 -16.65
N ASP A 160 -15.17 -16.59 -16.07
CA ASP A 160 -15.36 -17.24 -14.78
C ASP A 160 -15.79 -16.31 -13.64
N VAL A 161 -16.32 -16.91 -12.61
CA VAL A 161 -16.80 -16.16 -11.48
C VAL A 161 -16.53 -16.93 -10.19
N MET A 162 -16.31 -16.24 -9.07
CA MET A 162 -15.98 -16.95 -7.83
C MET A 162 -16.74 -16.40 -6.63
N ASN A 163 -16.85 -17.23 -5.61
CA ASN A 163 -17.51 -16.83 -4.36
C ASN A 163 -16.54 -16.88 -3.16
N HIS A 164 -16.55 -15.81 -2.37
CA HIS A 164 -15.73 -15.73 -1.16
C HIS A 164 -16.56 -15.25 0.03
N GLY A 165 -16.93 -16.17 0.90
CA GLY A 165 -17.57 -15.82 2.16
C GLY A 165 -18.87 -15.05 2.02
N GLY A 166 -19.72 -15.53 1.12
CA GLY A 166 -21.00 -14.89 0.89
C GLY A 166 -20.91 -13.72 -0.06
N PHE A 167 -19.82 -13.61 -0.79
CA PHE A 167 -19.69 -12.57 -1.78
C PHE A 167 -19.48 -13.18 -3.16
N HIS A 168 -20.29 -12.72 -4.12
CA HIS A 168 -20.13 -13.13 -5.49
C HIS A 168 -19.26 -12.10 -6.18
N ILE A 169 -18.11 -12.53 -6.67
CA ILE A 169 -17.16 -11.64 -7.32
C ILE A 169 -17.09 -11.92 -8.83
N GLN A 170 -17.32 -10.90 -9.65
CA GLN A 170 -17.12 -11.06 -11.08
C GLN A 170 -16.31 -9.89 -11.63
N CYS A 171 -15.50 -10.19 -12.63
CA CYS A 171 -14.66 -9.18 -13.24
C CYS A 171 -15.32 -8.67 -14.51
N GLN A 172 -15.83 -7.45 -14.45
CA GLN A 172 -16.63 -6.91 -15.53
C GLN A 172 -15.80 -6.40 -16.68
N SER A 173 -14.50 -6.27 -16.46
CA SER A 173 -13.72 -5.50 -17.40
C SER A 173 -12.23 -5.61 -17.13
N GLU A 174 -11.45 -5.75 -18.20
CA GLU A 174 -10.01 -5.88 -18.10
C GLU A 174 -9.30 -5.06 -19.16
N ASP A 175 -8.39 -4.19 -18.74
CA ASP A 175 -7.55 -3.46 -19.69
C ASP A 175 -6.19 -3.26 -19.06
N CYS A 176 -5.16 -3.04 -19.87
CA CYS A 176 -3.83 -2.95 -19.31
C CYS A 176 -2.93 -2.02 -20.10
N THR A 177 -1.90 -1.57 -19.40
CA THR A 177 -0.78 -0.85 -19.96
C THR A 177 0.42 -1.75 -19.80
N ILE A 178 1.59 -1.25 -20.13
CA ILE A 178 2.78 -2.07 -20.00
C ILE A 178 3.06 -2.37 -18.53
N ALA A 179 2.63 -1.47 -17.63
CA ALA A 179 3.03 -1.58 -16.23
C ALA A 179 1.92 -2.09 -15.30
N TYR A 180 0.66 -1.84 -15.65
CA TYR A 180 -0.42 -2.27 -14.77
C TYR A 180 -1.66 -2.73 -15.49
N VAL A 181 -2.50 -3.47 -14.77
CA VAL A 181 -3.79 -3.92 -15.26
C VAL A 181 -4.90 -3.24 -14.46
N SER A 182 -5.80 -2.59 -15.17
CA SER A 182 -6.95 -1.94 -14.57
C SER A 182 -8.17 -2.83 -14.77
N ARG A 183 -8.86 -3.16 -13.66
CA ARG A 183 -10.01 -4.05 -13.69
C ARG A 183 -11.21 -3.43 -12.98
N GLU A 184 -12.39 -3.60 -13.56
CA GLU A 184 -13.60 -3.24 -12.82
C GLU A 184 -14.22 -4.51 -12.25
N MET A 185 -14.56 -4.48 -10.97
CA MET A 185 -15.16 -5.64 -10.34
C MET A 185 -16.52 -5.40 -9.72
N LEU A 186 -17.34 -6.43 -9.77
CA LEU A 186 -18.65 -6.36 -9.17
C LEU A 186 -18.69 -7.31 -8.01
N VAL A 187 -19.05 -6.80 -6.85
CA VAL A 187 -19.14 -7.60 -5.65
C VAL A 187 -20.62 -7.71 -5.31
N THR A 188 -21.13 -8.94 -5.26
CA THR A 188 -22.54 -9.09 -4.91
C THR A 188 -22.72 -9.85 -3.61
N ASN A 189 -23.37 -9.20 -2.64
CA ASN A 189 -23.85 -9.89 -1.44
C ASN A 189 -24.88 -10.92 -1.81
N THR A 190 -24.61 -12.18 -1.50
CA THR A 190 -25.48 -13.26 -1.95
C THR A 190 -26.74 -13.38 -1.08
N GLN A 191 -26.66 -12.96 0.19
CA GLN A 191 -27.89 -12.87 0.97
C GLN A 191 -28.79 -11.78 0.41
N THR A 192 -28.41 -10.52 0.59
CA THR A 192 -29.28 -9.39 0.27
C THR A 192 -29.44 -9.09 -1.22
N GLY A 193 -28.50 -9.53 -2.05
CA GLY A 193 -28.56 -9.20 -3.47
C GLY A 193 -28.04 -7.80 -3.77
N GLU A 194 -27.48 -7.15 -2.76
CA GLU A 194 -26.90 -5.82 -2.92
C GLU A 194 -25.58 -5.84 -3.70
N GLU A 195 -25.36 -4.83 -4.53
CA GLU A 195 -24.19 -4.79 -5.38
C GLU A 195 -23.25 -3.66 -5.04
N HIS A 196 -21.95 -3.90 -5.21
CA HIS A 196 -20.93 -2.88 -5.01
C HIS A 196 -19.86 -3.02 -6.08
N THR A 197 -19.49 -1.89 -6.67
CA THR A 197 -18.50 -1.89 -7.74
C THR A 197 -17.14 -1.40 -7.24
N VAL A 198 -16.08 -2.09 -7.65
CA VAL A 198 -14.74 -1.72 -7.22
C VAL A 198 -13.79 -1.61 -8.39
N THR A 199 -12.99 -0.55 -8.41
CA THR A 199 -11.89 -0.48 -9.35
C THR A 199 -10.68 -1.15 -8.72
N HIS A 200 -10.00 -1.97 -9.51
CA HIS A 200 -8.86 -2.76 -9.06
C HIS A 200 -7.67 -2.46 -9.96
N LEU A 201 -6.56 -2.03 -9.37
CA LEU A 201 -5.36 -1.77 -10.15
C LEU A 201 -4.24 -2.71 -9.72
N GLN A 202 -3.68 -3.46 -10.68
CA GLN A 202 -2.57 -4.35 -10.41
C GLN A 202 -1.32 -3.89 -11.14
N TYR A 203 -0.37 -3.34 -10.40
CA TYR A 203 0.91 -2.98 -10.99
C TYR A 203 1.75 -4.25 -11.08
N VAL A 204 2.11 -4.66 -12.30
CA VAL A 204 2.87 -5.90 -12.49
C VAL A 204 4.33 -5.71 -12.82
N ALA A 205 4.79 -4.47 -13.00
CA ALA A 205 6.19 -4.28 -13.36
C ALA A 205 7.02 -3.71 -12.19
N TRP A 206 7.00 -4.41 -11.07
CA TRP A 206 7.64 -3.93 -9.84
C TRP A 206 7.95 -5.13 -8.94
N PRO A 207 9.13 -5.74 -9.11
CA PRO A 207 9.53 -6.90 -8.31
C PRO A 207 9.64 -6.65 -6.80
N ALA A 208 9.22 -7.64 -6.02
CA ALA A 208 9.35 -7.60 -4.56
C ALA A 208 10.77 -7.22 -4.16
N HIS A 209 10.87 -6.40 -3.11
CA HIS A 209 12.14 -5.91 -2.57
C HIS A 209 12.89 -5.01 -3.55
N GLY A 210 12.22 -4.56 -4.61
CA GLY A 210 12.84 -3.68 -5.59
C GLY A 210 12.08 -2.42 -5.96
N VAL A 211 12.56 -1.74 -6.98
CA VAL A 211 11.97 -0.50 -7.50
C VAL A 211 11.19 -0.80 -8.77
N PRO A 212 10.22 0.08 -9.12
CA PRO A 212 9.47 -0.07 -10.38
C PRO A 212 10.41 -0.29 -11.56
N ASP A 213 10.00 -1.10 -12.53
CA ASP A 213 10.81 -1.32 -13.72
C ASP A 213 11.03 -0.01 -14.46
N ASP A 214 10.00 0.84 -14.46
CA ASP A 214 10.09 2.13 -15.14
C ASP A 214 9.55 3.28 -14.29
N SER A 215 10.40 4.26 -14.02
CA SER A 215 10.05 5.36 -13.12
CA SER A 215 10.03 5.34 -13.11
C SER A 215 8.91 6.23 -13.64
N SER A 216 8.86 6.43 -14.95
CA SER A 216 7.82 7.28 -15.51
C SER A 216 6.43 6.64 -15.47
N ASP A 217 6.37 5.33 -15.70
CA ASP A 217 5.14 4.57 -15.48
C ASP A 217 4.69 4.64 -14.02
N PHE A 218 5.66 4.61 -13.11
CA PHE A 218 5.35 4.68 -11.70
C PHE A 218 4.65 5.99 -11.37
N LEU A 219 5.28 7.10 -11.76
CA LEU A 219 4.72 8.43 -11.50
C LEU A 219 3.35 8.59 -12.16
N GLU A 220 3.23 8.07 -13.38
CA GLU A 220 1.96 8.03 -14.10
C GLU A 220 0.92 7.33 -13.23
N PHE A 221 1.28 6.13 -12.78
CA PHE A 221 0.40 5.28 -12.00
C PHE A 221 -0.08 5.94 -10.71
N VAL A 222 0.85 6.57 -10.02
CA VAL A 222 0.54 7.20 -8.74
C VAL A 222 -0.47 8.31 -8.95
N ASN A 223 -0.30 9.06 -10.05
CA ASN A 223 -1.26 10.08 -10.43
C ASN A 223 -2.63 9.50 -10.81
N TYR A 224 -2.62 8.35 -11.47
CA TYR A 224 -3.87 7.63 -11.72
C TYR A 224 -4.59 7.30 -10.39
N VAL A 225 -3.85 6.74 -9.43
CA VAL A 225 -4.38 6.44 -8.11
C VAL A 225 -4.99 7.67 -7.43
N ARG A 226 -4.27 8.80 -7.45
CA ARG A 226 -4.78 10.04 -6.83
C ARG A 226 -6.07 10.52 -7.50
N SER A 227 -6.16 10.35 -8.83
CA SER A 227 -7.32 10.85 -9.56
C SER A 227 -8.54 9.95 -9.31
N LEU A 228 -8.29 8.70 -8.95
CA LEU A 228 -9.37 7.75 -8.60
C LEU A 228 -9.81 7.81 -7.15
N ARG A 229 -9.00 8.44 -6.31
CA ARG A 229 -9.27 8.51 -4.87
C ARG A 229 -10.60 9.20 -4.57
N VAL A 230 -11.39 8.60 -3.68
CA VAL A 230 -12.62 9.21 -3.17
C VAL A 230 -12.34 9.80 -1.79
N ASP A 231 -12.74 11.04 -1.57
CA ASP A 231 -12.42 11.70 -0.32
C ASP A 231 -13.11 10.99 0.85
N SER A 232 -12.39 10.89 1.96
CA SER A 232 -12.87 10.29 3.21
C SER A 232 -13.09 8.78 3.13
N GLU A 233 -12.74 8.21 1.98
CA GLU A 233 -12.79 6.77 1.76
C GLU A 233 -11.36 6.22 1.67
N PRO A 234 -11.02 5.21 2.49
CA PRO A 234 -9.65 4.69 2.37
C PRO A 234 -9.41 3.95 1.06
N VAL A 235 -8.19 4.08 0.55
CA VAL A 235 -7.75 3.27 -0.57
C VAL A 235 -7.11 2.02 0.00
N LEU A 236 -7.54 0.86 -0.49
CA LEU A 236 -6.93 -0.38 -0.05
C LEU A 236 -5.70 -0.63 -0.90
N VAL A 237 -4.57 -0.80 -0.25
CA VAL A 237 -3.32 -0.97 -0.95
C VAL A 237 -2.61 -2.18 -0.37
N HIS A 238 -2.19 -3.08 -1.25
CA HIS A 238 -1.46 -4.26 -0.82
C HIS A 238 -0.42 -4.67 -1.87
N SER A 239 0.52 -5.47 -1.44
CA SER A 239 1.46 -6.10 -2.30
C SER A 239 1.44 -7.48 -1.69
N SER A 240 2.47 -8.27 -1.86
CA SER A 240 2.64 -9.47 -1.07
C SER A 240 2.61 -9.45 0.45
N ALA A 241 3.56 -8.73 1.06
CA ALA A 241 3.59 -8.49 2.52
C ALA A 241 2.81 -7.23 2.92
N GLY A 242 2.74 -6.26 2.01
CA GLY A 242 1.98 -5.04 2.27
C GLY A 242 2.74 -3.94 3.02
N ILE A 243 4.06 -3.90 2.87
CA ILE A 243 4.88 -2.92 3.55
C ILE A 243 5.94 -2.29 2.64
N GLY A 244 6.49 -3.08 1.71
CA GLY A 244 7.61 -2.64 0.89
C GLY A 244 7.20 -1.71 -0.23
N ARG A 245 6.54 -2.28 -1.23
CA ARG A 245 6.10 -1.47 -2.36
C ARG A 245 4.90 -0.57 -2.00
N THR A 246 4.07 -0.99 -1.04
CA THR A 246 2.97 -0.14 -0.60
C THR A 246 3.54 1.11 0.08
N GLY A 247 4.62 0.93 0.83
CA GLY A 247 5.18 2.04 1.56
C GLY A 247 5.70 3.10 0.63
N VAL A 248 6.34 2.63 -0.45
CA VAL A 248 6.84 3.49 -1.52
C VAL A 248 5.70 4.28 -2.15
N LEU A 249 4.58 3.59 -2.38
CA LEU A 249 3.45 4.26 -3.02
C LEU A 249 2.81 5.32 -2.12
N VAL A 250 2.65 5.01 -0.83
CA VAL A 250 2.08 5.97 0.12
C VAL A 250 2.98 7.20 0.29
N THR A 251 4.29 7.00 0.31
CA THR A 251 5.24 8.13 0.40
C THR A 251 5.11 9.05 -0.82
N MET A 252 4.99 8.45 -2.00
CA MET A 252 4.97 9.20 -3.24
C MET A 252 3.67 9.97 -3.41
N GLU A 253 2.55 9.34 -3.08
CA GLU A 253 1.28 10.08 -3.12
C GLU A 253 1.31 11.26 -2.12
N THR A 254 1.92 11.07 -0.94
CA THR A 254 1.98 12.12 0.07
C THR A 254 2.79 13.29 -0.45
N ALA A 255 3.97 12.97 -0.98
CA ALA A 255 4.87 13.97 -1.55
C ALA A 255 4.15 14.81 -2.61
N MET A 256 3.43 14.15 -3.50
CA MET A 256 2.75 14.88 -4.55
C MET A 256 1.65 15.84 -4.07
N CYS A 257 0.89 15.44 -3.04
CA CYS A 257 -0.11 16.33 -2.44
C CYS A 257 0.53 17.56 -1.82
N LEU A 258 1.71 17.38 -1.23
CA LEU A 258 2.47 18.49 -0.66
C LEU A 258 2.98 19.45 -1.74
N THR A 259 3.56 18.90 -2.82
CA THR A 259 4.16 19.71 -3.88
C THR A 259 3.15 20.65 -4.56
N GLU A 260 1.95 20.16 -4.79
CA GLU A 260 0.91 20.98 -5.40
C GLU A 260 0.42 22.09 -4.48
N ARG A 261 0.65 21.94 -3.19
CA ARG A 261 0.17 22.94 -2.25
C ARG A 261 1.32 23.80 -1.76
N ASN A 262 2.46 23.69 -2.45
CA ASN A 262 3.67 24.43 -2.08
C ASN A 262 4.02 24.22 -0.60
N LEU A 263 3.92 22.97 -0.16
CA LEU A 263 4.21 22.60 1.22
C LEU A 263 5.51 21.80 1.26
N PRO A 264 6.26 21.90 2.37
CA PRO A 264 7.56 21.22 2.38
C PRO A 264 7.46 19.70 2.50
N ILE A 265 8.45 19.02 1.95
CA ILE A 265 8.47 17.58 1.99
C ILE A 265 9.69 17.05 2.77
N TYR A 266 9.40 16.22 3.76
CA TYR A 266 10.44 15.58 4.56
C TYR A 266 10.22 14.06 4.55
N PRO A 267 10.83 13.34 3.59
CA PRO A 267 10.46 11.94 3.38
C PRO A 267 10.67 11.05 4.60
N LEU A 268 11.67 11.35 5.45
CA LEU A 268 11.88 10.53 6.63
C LEU A 268 10.75 10.69 7.65
N ASP A 269 10.15 11.89 7.71
CA ASP A 269 8.99 12.11 8.56
C ASP A 269 7.78 11.35 8.02
N ILE A 270 7.68 11.29 6.70
CA ILE A 270 6.59 10.56 6.04
C ILE A 270 6.70 9.05 6.29
N VAL A 271 7.90 8.51 6.14
CA VAL A 271 8.14 7.10 6.45
C VAL A 271 7.90 6.76 7.94
N ARG A 272 8.38 7.60 8.87
CA ARG A 272 8.15 7.39 10.29
C ARG A 272 6.65 7.35 10.63
N LYS A 273 5.91 8.29 10.06
CA LYS A 273 4.50 8.39 10.34
C LYS A 273 3.75 7.15 9.83
N MET A 274 4.21 6.58 8.69
CA MET A 274 3.68 5.29 8.21
C MET A 274 4.04 4.18 9.16
N ARG A 275 5.31 4.11 9.54
CA ARG A 275 5.77 3.02 10.38
C ARG A 275 5.11 3.03 11.75
N ASP A 276 4.62 4.20 12.16
CA ASP A 276 3.88 4.31 13.41
C ASP A 276 2.49 3.65 13.32
N GLN A 277 2.05 3.35 12.10
CA GLN A 277 0.72 2.78 11.89
C GLN A 277 0.77 1.38 11.28
N ARG A 278 1.86 1.05 10.59
CA ARG A 278 2.12 -0.32 10.12
C ARG A 278 3.64 -0.48 10.01
N ALA A 279 4.18 -1.50 10.68
CA ALA A 279 5.63 -1.64 10.78
C ALA A 279 6.28 -1.89 9.41
N MET A 280 7.46 -1.28 9.22
CA MET A 280 8.42 -1.62 8.17
C MET A 280 8.13 -1.07 6.78
N MET A 281 7.12 -0.18 6.66
CA MET A 281 6.79 0.47 5.38
C MET A 281 8.04 1.06 4.72
N VAL A 282 8.14 0.93 3.40
CA VAL A 282 9.37 1.13 2.63
C VAL A 282 10.62 0.28 2.92
N GLN A 283 10.56 -0.98 2.55
CA GLN A 283 11.56 -1.95 3.00
C GLN A 283 13.07 -1.76 2.80
N THR A 284 13.50 -1.43 1.60
CA THR A 284 14.93 -1.40 1.32
C THR A 284 15.42 0.02 1.18
N SER A 285 16.73 0.23 1.34
CA SER A 285 17.32 1.55 1.12
CA SER A 285 17.34 1.54 1.10
C SER A 285 17.19 1.96 -0.36
N SER A 286 17.19 0.97 -1.27
CA SER A 286 17.00 1.23 -2.69
C SER A 286 15.61 1.77 -3.01
N GLN A 287 14.59 1.16 -2.41
CA GLN A 287 13.25 1.71 -2.47
C GLN A 287 13.18 3.15 -1.92
N TYR A 288 13.89 3.45 -0.83
CA TYR A 288 13.78 4.77 -0.24
C TYR A 288 14.50 5.79 -1.12
N LYS A 289 15.71 5.43 -1.56
CA LYS A 289 16.49 6.28 -2.45
C LYS A 289 15.71 6.57 -3.72
N PHE A 290 15.03 5.55 -4.22
CA PHE A 290 14.18 5.69 -5.40
C PHE A 290 13.07 6.70 -5.22
N VAL A 291 12.33 6.62 -4.12
CA VAL A 291 11.17 7.50 -3.98
C VAL A 291 11.63 8.95 -3.72
N CYS A 292 12.80 9.10 -3.07
CA CYS A 292 13.36 10.42 -2.84
C CYS A 292 13.74 11.09 -4.17
N GLU A 293 14.32 10.32 -5.09
CA GLU A 293 14.69 10.84 -6.40
C GLU A 293 13.49 11.20 -7.25
N ALA A 294 12.43 10.41 -7.13
CA ALA A 294 11.19 10.68 -7.83
C ALA A 294 10.57 11.97 -7.32
N ILE A 295 10.70 12.23 -6.02
CA ILE A 295 10.16 13.42 -5.39
C ILE A 295 10.88 14.68 -5.90
N LEU A 296 12.21 14.64 -5.95
CA LEU A 296 12.98 15.73 -6.55
C LEU A 296 12.65 15.91 -8.04
N ARG A 297 12.48 14.78 -8.74
CA ARG A 297 12.13 14.79 -10.15
C ARG A 297 10.81 15.49 -10.43
N VAL A 298 9.76 15.10 -9.71
CA VAL A 298 8.45 15.72 -9.87
C VAL A 298 8.51 17.22 -9.58
N TYR A 299 9.25 17.60 -8.54
CA TYR A 299 9.39 19.00 -8.15
C TYR A 299 10.09 19.86 -9.21
N GLU A 300 11.21 19.37 -9.72
CA GLU A 300 11.99 20.11 -10.70
C GLU A 300 11.29 20.25 -12.05
N GLU A 301 10.55 19.23 -12.44
CA GLU A 301 9.82 19.25 -13.71
C GLU A 301 8.53 20.07 -13.65
N GLY A 302 8.07 20.41 -12.46
CA GLY A 302 6.90 21.25 -12.32
C GLY A 302 7.27 22.68 -11.94
N LEU A 303 8.57 22.97 -11.94
CA LEU A 303 9.09 24.26 -11.52
C LEU A 303 9.13 25.25 -12.69
N MET B 1 6.10 -20.83 6.83
CA MET B 1 6.13 -19.45 6.35
C MET B 1 7.57 -19.04 6.10
N TPO B 2 7.81 -18.49 4.92
CA TPO B 2 9.10 -17.89 4.63
CB TPO B 2 9.32 -17.82 3.12
CG2 TPO B 2 8.71 -16.57 2.51
OG1 TPO B 2 10.73 -17.93 2.82
P TPO B 2 10.96 -19.33 2.03
O1P TPO B 2 10.19 -20.43 2.64
O2P TPO B 2 10.47 -19.18 0.49
O3P TPO B 2 12.54 -19.70 2.05
C TPO B 2 9.13 -16.51 5.29
O TPO B 2 8.07 -15.97 5.64
N GLY B 3 10.31 -15.95 5.52
CA GLY B 3 10.39 -14.62 6.09
C GLY B 3 10.45 -13.61 4.96
N PTR B 4 9.83 -12.45 5.14
CA PTR B 4 9.83 -11.42 4.11
C PTR B 4 11.00 -10.46 4.28
O PTR B 4 11.32 -9.70 3.37
CB PTR B 4 8.49 -10.66 4.11
CG PTR B 4 8.30 -9.64 3.01
CD1 PTR B 4 7.81 -10.02 1.77
CD2 PTR B 4 8.58 -8.28 3.22
CE1 PTR B 4 7.61 -9.08 0.75
CE2 PTR B 4 8.39 -7.34 2.21
CZ PTR B 4 7.90 -7.75 0.97
OH PTR B 4 7.72 -6.88 -0.01
P PTR B 4 6.33 -6.11 -0.33
O1P PTR B 4 5.29 -7.09 -0.77
O2P PTR B 4 5.82 -5.45 0.98
O3P PTR B 4 6.55 -5.04 -1.42
N VAL B 5 11.63 -10.49 5.46
CA VAL B 5 12.80 -9.65 5.74
C VAL B 5 14.01 -10.06 4.91
N VAL B 6 14.61 -9.08 4.24
CA VAL B 6 15.71 -9.30 3.32
C VAL B 6 16.92 -8.41 3.71
N THR B 7 17.91 -8.28 2.84
CA THR B 7 19.09 -7.45 3.13
C THR B 7 19.30 -6.21 2.24
N ARG B 8 20.00 -6.38 1.11
CA ARG B 8 20.20 -5.30 0.12
C ARG B 8 20.61 -3.96 0.70
#